data_8AE9
#
_entry.id   8AE9
#
_cell.length_a   47.374
_cell.length_b   66.587
_cell.length_c   49.563
_cell.angle_alpha   90.000
_cell.angle_beta   91.918
_cell.angle_gamma   90.000
#
_symmetry.space_group_name_H-M   'P 1 21 1'
#
loop_
_entity.id
_entity.type
_entity.pdbx_description
1 polymer 'Aldose reductase'
2 non-polymer 'NADP NICOTINAMIDE-ADENINE-DINUCLEOTIDE PHOSPHATE'
3 non-polymer '5-(5-(3-hydroxyphenyl)thiophen-2-yl)pentanoic acid'
4 non-polymer 'DIMETHYL SULFOXIDE'
5 water water
#
_entity_poly.entity_id   1
_entity_poly.type   'polypeptide(L)'
_entity_poly.pdbx_seq_one_letter_code
;MASRILLNNGAKMPILGLGTWKSPPGQVTEAVKVAIDVGYRHIDCAHVYQNENEVGVAIQEKLREQVVKREELFIVSKLW
CTYHEKGLVKGACQKTLSDLKLDYLDLYLIHWPTGFKPGKEFFPLDESGNVVPSDTNILDTWAAMEELVDEGLVKAIGIS
NFNHLQVEMILNKPGLKYKPAVNQIECHPYLTQEKLIQYCQSKGIVVTAYSPLGSPDRPWAKPEDPSLLEDPRIKAIAAK
HNKTTAQVLIRFPMQRNLVVIPKSVTPERIAENFKVFDFELSSQDMTTLLSYNRNWRVCALLSCTSHKDYPFHEEF
;
_entity_poly.pdbx_strand_id   A
#
# COMPACT_ATOMS: atom_id res chain seq x y z
N MET A 1 -0.49 19.80 11.36
CA MET A 1 -0.22 18.54 10.60
C MET A 1 0.88 18.77 9.56
N ALA A 2 2.08 18.32 9.88
CA ALA A 2 3.17 18.32 8.90
C ALA A 2 2.83 17.40 7.73
N SER A 3 3.43 17.68 6.58
CA SER A 3 3.06 16.95 5.37
C SER A 3 3.82 15.65 5.20
N ARG A 4 4.95 15.43 5.88
CA ARG A 4 5.75 14.23 5.70
C ARG A 4 6.10 13.62 7.06
N ILE A 5 6.35 12.31 7.04
CA ILE A 5 6.75 11.54 8.21
C ILE A 5 8.15 10.98 7.97
N LEU A 6 8.98 11.01 9.01
CA LEU A 6 10.34 10.52 8.91
C LEU A 6 10.38 8.99 9.03
N LEU A 7 11.00 8.35 8.04
CA LEU A 7 11.19 6.91 8.04
C LEU A 7 12.52 6.53 8.69
N ASN A 8 12.62 5.25 9.04
CA ASN A 8 13.81 4.73 9.69
C ASN A 8 15.00 4.54 8.75
N ASN A 9 14.88 4.92 7.48
CA ASN A 9 16.03 5.04 6.58
C ASN A 9 16.52 6.47 6.47
N GLY A 10 15.93 7.41 7.22
CA GLY A 10 16.32 8.80 7.19
C GLY A 10 15.62 9.67 6.16
N ALA A 11 14.75 9.10 5.33
CA ALA A 11 14.01 9.85 4.32
C ALA A 11 12.63 10.22 4.84
N LYS A 12 12.03 11.24 4.24
CA LYS A 12 10.70 11.70 4.61
C LYS A 12 9.68 11.26 3.56
N MET A 13 8.53 10.79 4.05
CA MET A 13 7.47 10.23 3.21
C MET A 13 6.22 11.08 3.32
N PRO A 14 5.66 11.55 2.21
CA PRO A 14 4.40 12.33 2.31
C PRO A 14 3.27 11.48 2.88
N ILE A 15 2.54 12.06 3.84
CA ILE A 15 1.49 11.33 4.54
C ILE A 15 0.24 11.13 3.69
N LEU A 16 0.11 11.85 2.59
N LEU A 16 0.07 11.94 2.64
CA LEU A 16 -1.04 11.67 1.71
CA LEU A 16 -0.97 11.76 1.62
C LEU A 16 -0.52 11.32 0.31
C LEU A 16 -0.34 11.20 0.36
N GLY A 17 -0.95 10.15 -0.19
CA GLY A 17 -0.59 9.71 -1.51
C GLY A 17 -1.81 9.31 -2.33
N LEU A 18 -1.59 9.15 -3.62
CA LEU A 18 -2.64 8.73 -4.56
C LEU A 18 -2.57 7.23 -4.80
N GLY A 19 -3.66 6.53 -4.52
CA GLY A 19 -3.77 5.13 -4.88
C GLY A 19 -4.09 4.93 -6.35
N THR A 20 -3.68 3.76 -6.89
CA THR A 20 -3.84 3.46 -8.30
C THR A 20 -4.43 2.07 -8.60
N TRP A 21 -4.79 1.29 -7.58
CA TRP A 21 -5.46 0.02 -7.86
C TRP A 21 -6.84 0.30 -8.44
N LYS A 22 -7.14 -0.31 -9.60
CA LYS A 22 -8.39 -0.21 -10.32
C LYS A 22 -8.46 1.05 -11.17
N SER A 23 -7.44 1.90 -11.14
CA SER A 23 -7.47 3.10 -11.99
C SER A 23 -7.29 2.64 -13.43
N PRO A 24 -8.27 2.88 -14.31
CA PRO A 24 -8.18 2.32 -15.65
C PRO A 24 -6.96 2.87 -16.37
N PRO A 25 -6.29 2.05 -17.18
CA PRO A 25 -5.07 2.53 -17.86
C PRO A 25 -5.32 3.72 -18.75
N GLY A 26 -6.52 3.87 -19.30
CA GLY A 26 -6.86 5.02 -20.13
C GLY A 26 -7.22 6.29 -19.37
N GLN A 27 -7.31 6.21 -18.05
CA GLN A 27 -7.62 7.35 -17.20
C GLN A 27 -6.53 7.68 -16.20
N VAL A 28 -5.62 6.74 -15.91
CA VAL A 28 -4.70 6.95 -14.79
C VAL A 28 -3.62 7.96 -15.13
N THR A 29 -3.25 8.12 -16.40
CA THR A 29 -2.25 9.13 -16.73
C THR A 29 -2.76 10.52 -16.36
N GLU A 30 -3.97 10.85 -16.80
CA GLU A 30 -4.53 12.14 -16.43
C GLU A 30 -4.74 12.25 -14.92
N ALA A 31 -5.14 11.15 -14.26
CA ALA A 31 -5.35 11.22 -12.82
C ALA A 31 -4.07 11.61 -12.09
N VAL A 32 -2.95 10.98 -12.47
CA VAL A 32 -1.68 11.27 -11.82
C VAL A 32 -1.19 12.69 -12.17
N LYS A 33 -1.40 13.12 -13.42
CA LYS A 33 -1.06 14.50 -13.78
C LYS A 33 -1.83 15.51 -12.93
N VAL A 34 -3.15 15.30 -12.79
CA VAL A 34 -3.96 16.18 -11.96
C VAL A 34 -3.46 16.15 -10.52
N ALA A 35 -3.23 14.94 -9.99
CA ALA A 35 -2.79 14.81 -8.61
C ALA A 35 -1.52 15.63 -8.37
N ILE A 36 -0.53 15.48 -9.24
CA ILE A 36 0.70 16.24 -9.06
C ILE A 36 0.41 17.75 -9.16
N ASP A 37 -0.43 18.15 -10.13
CA ASP A 37 -0.76 19.56 -10.27
C ASP A 37 -1.41 20.15 -9.01
N VAL A 38 -2.21 19.36 -8.28
CA VAL A 38 -2.93 19.88 -7.11
C VAL A 38 -2.20 19.59 -5.80
N GLY A 39 -1.00 19.03 -5.85
CA GLY A 39 -0.13 18.97 -4.68
C GLY A 39 0.34 17.59 -4.27
N TYR A 40 -0.21 16.51 -4.81
CA TYR A 40 0.27 15.19 -4.40
C TYR A 40 1.72 15.01 -4.79
N ARG A 41 2.46 14.38 -3.88
N ARG A 41 2.49 14.38 -3.90
CA ARG A 41 3.88 14.13 -4.07
CA ARG A 41 3.89 14.07 -4.18
C ARG A 41 4.22 12.67 -3.78
C ARG A 41 4.18 12.58 -4.07
N HIS A 42 3.21 11.81 -3.62
CA HIS A 42 3.37 10.39 -3.32
C HIS A 42 2.33 9.64 -4.14
N ILE A 43 2.78 8.65 -4.91
CA ILE A 43 1.93 7.79 -5.70
C ILE A 43 2.17 6.35 -5.27
N ASP A 44 1.09 5.62 -4.97
CA ASP A 44 1.16 4.21 -4.61
C ASP A 44 0.83 3.36 -5.83
N CYS A 45 1.77 2.50 -6.21
CA CYS A 45 1.72 1.71 -7.43
C CYS A 45 1.90 0.24 -7.12
N ALA A 46 1.65 -0.61 -8.13
CA ALA A 46 2.06 -2.01 -8.04
C ALA A 46 2.06 -2.63 -9.42
N HIS A 47 3.01 -3.56 -9.64
CA HIS A 47 3.03 -4.29 -10.90
C HIS A 47 1.71 -5.01 -11.16
N VAL A 48 1.11 -5.60 -10.12
CA VAL A 48 -0.10 -6.39 -10.31
C VAL A 48 -1.29 -5.53 -10.73
N TYR A 49 -1.21 -4.21 -10.57
CA TYR A 49 -2.30 -3.33 -10.98
C TYR A 49 -2.36 -3.15 -12.50
N GLN A 50 -1.29 -3.52 -13.21
CA GLN A 50 -1.24 -3.58 -14.67
C GLN A 50 -1.29 -2.20 -15.32
N ASN A 51 -1.01 -1.14 -14.58
CA ASN A 51 -1.12 0.22 -15.11
C ASN A 51 0.13 1.05 -14.79
N GLU A 52 1.26 0.42 -14.45
CA GLU A 52 2.44 1.20 -14.11
C GLU A 52 2.99 1.98 -15.31
N ASN A 53 2.90 1.43 -16.53
CA ASN A 53 3.39 2.20 -17.67
C ASN A 53 2.66 3.54 -17.77
N GLU A 54 1.34 3.51 -17.61
CA GLU A 54 0.51 4.69 -17.75
C GLU A 54 0.71 5.66 -16.58
N VAL A 55 0.90 5.14 -15.37
CA VAL A 55 1.29 6.00 -14.25
C VAL A 55 2.61 6.71 -14.60
N GLY A 56 3.54 5.93 -15.14
CA GLY A 56 4.85 6.47 -15.45
C GLY A 56 4.82 7.58 -16.49
N VAL A 57 3.93 7.46 -17.49
CA VAL A 57 3.81 8.54 -18.49
C VAL A 57 3.52 9.85 -17.79
N ALA A 58 2.61 9.84 -16.81
CA ALA A 58 2.26 11.06 -16.09
C ALA A 58 3.44 11.60 -15.29
N ILE A 59 4.11 10.72 -14.53
CA ILE A 59 5.25 11.16 -13.75
C ILE A 59 6.29 11.81 -14.65
N GLN A 60 6.60 11.14 -15.77
CA GLN A 60 7.61 11.64 -16.66
C GLN A 60 7.24 12.98 -17.26
N GLU A 61 5.97 13.16 -17.67
N GLU A 61 5.96 13.16 -17.62
CA GLU A 61 5.57 14.47 -18.18
CA GLU A 61 5.56 14.44 -18.20
C GLU A 61 5.81 15.54 -17.13
C GLU A 61 5.65 15.56 -17.18
N LYS A 62 5.36 15.29 -15.90
CA LYS A 62 5.46 16.33 -14.88
C LYS A 62 6.92 16.63 -14.52
N LEU A 63 7.80 15.63 -14.57
CA LEU A 63 9.23 15.90 -14.43
C LEU A 63 9.75 16.72 -15.60
N ARG A 64 9.37 16.33 -16.83
CA ARG A 64 9.84 17.05 -18.02
C ARG A 64 9.35 18.50 -18.03
N GLU A 65 8.06 18.72 -17.64
N GLU A 65 8.12 18.75 -17.62
CA GLU A 65 7.43 20.03 -17.51
CA GLU A 65 7.65 20.12 -17.62
C GLU A 65 8.04 20.86 -16.38
C GLU A 65 8.00 20.86 -16.34
N GLN A 66 8.82 20.24 -15.49
CA GLN A 66 9.38 20.91 -14.32
C GLN A 66 8.30 21.42 -13.38
N VAL A 67 7.20 20.66 -13.30
CA VAL A 67 6.19 20.90 -12.28
C VAL A 67 6.69 20.47 -10.93
N VAL A 68 7.49 19.40 -10.89
N VAL A 68 7.54 19.45 -10.90
CA VAL A 68 8.11 18.87 -9.69
CA VAL A 68 8.08 18.86 -9.68
C VAL A 68 9.50 18.39 -10.07
C VAL A 68 9.43 18.26 -10.03
N LYS A 69 10.34 18.25 -9.06
CA LYS A 69 11.64 17.59 -9.21
C LYS A 69 11.53 16.15 -8.70
N ARG A 70 12.38 15.27 -9.24
CA ARG A 70 12.33 13.87 -8.84
C ARG A 70 12.52 13.72 -7.33
N GLU A 71 13.40 14.53 -6.72
N GLU A 71 13.41 14.54 -6.74
CA GLU A 71 13.65 14.38 -5.30
CA GLU A 71 13.68 14.49 -5.32
C GLU A 71 12.46 14.82 -4.44
C GLU A 71 12.41 14.72 -4.49
N GLU A 72 11.48 15.52 -5.02
CA GLU A 72 10.26 15.89 -4.31
C GLU A 72 9.17 14.84 -4.42
N LEU A 73 9.31 13.86 -5.31
CA LEU A 73 8.33 12.81 -5.46
C LEU A 73 8.72 11.62 -4.58
N PHE A 74 7.69 10.89 -4.14
CA PHE A 74 7.86 9.69 -3.35
C PHE A 74 7.03 8.59 -4.03
N ILE A 75 7.71 7.75 -4.81
CA ILE A 75 7.06 6.74 -5.62
C ILE A 75 7.25 5.38 -4.97
N VAL A 76 6.13 4.69 -4.75
CA VAL A 76 6.08 3.39 -4.09
C VAL A 76 5.59 2.35 -5.09
N SER A 77 6.25 1.19 -5.12
CA SER A 77 5.67 0.04 -5.80
C SER A 77 5.88 -1.20 -4.94
N LYS A 78 5.46 -2.35 -5.48
CA LYS A 78 5.35 -3.57 -4.71
C LYS A 78 5.71 -4.76 -5.59
N LEU A 79 6.44 -5.70 -4.96
CA LEU A 79 6.87 -6.98 -5.55
C LEU A 79 5.70 -7.95 -5.49
N TRP A 80 5.24 -8.43 -6.64
CA TRP A 80 4.10 -9.34 -6.65
C TRP A 80 4.52 -10.74 -6.16
N CYS A 81 3.52 -11.52 -5.76
CA CYS A 81 3.71 -12.79 -5.07
C CYS A 81 4.43 -13.83 -5.93
N THR A 82 4.34 -13.74 -7.26
CA THR A 82 5.00 -14.69 -8.16
C THR A 82 6.46 -14.36 -8.39
N TYR A 83 6.99 -13.34 -7.71
N TYR A 83 6.99 -13.34 -7.70
CA TYR A 83 8.38 -12.94 -7.85
CA TYR A 83 8.38 -12.91 -7.80
C TYR A 83 9.15 -13.03 -6.54
C TYR A 83 9.09 -12.96 -6.46
N HIS A 84 8.66 -13.84 -5.57
CA HIS A 84 9.37 -14.00 -4.30
C HIS A 84 10.68 -14.76 -4.42
N GLU A 85 10.86 -15.58 -5.46
N GLU A 85 10.85 -15.62 -5.43
CA GLU A 85 12.14 -16.29 -5.63
CA GLU A 85 12.12 -16.32 -5.56
C GLU A 85 13.29 -15.28 -5.66
C GLU A 85 13.25 -15.31 -5.70
N LYS A 86 14.39 -15.60 -4.98
N LYS A 86 14.35 -15.53 -4.96
CA LYS A 86 15.47 -14.62 -4.83
CA LYS A 86 15.38 -14.50 -4.87
C LYS A 86 16.00 -14.16 -6.19
C LYS A 86 15.88 -14.09 -6.26
N GLY A 87 16.05 -15.05 -7.17
CA GLY A 87 16.57 -14.74 -8.51
C GLY A 87 15.65 -13.94 -9.41
N LEU A 88 14.40 -13.70 -8.97
CA LEU A 88 13.44 -12.94 -9.75
C LEU A 88 13.21 -11.52 -9.22
N VAL A 89 13.68 -11.22 -8.01
CA VAL A 89 13.34 -9.95 -7.36
C VAL A 89 13.92 -8.77 -8.13
N LYS A 90 15.19 -8.84 -8.52
CA LYS A 90 15.80 -7.69 -9.19
C LYS A 90 15.07 -7.39 -10.50
N GLY A 91 14.80 -8.42 -11.30
CA GLY A 91 14.12 -8.19 -12.56
C GLY A 91 12.73 -7.62 -12.39
N ALA A 92 12.02 -8.08 -11.36
CA ALA A 92 10.69 -7.52 -11.08
C ALA A 92 10.78 -6.05 -10.73
N CYS A 93 11.76 -5.69 -9.90
CA CYS A 93 11.96 -4.29 -9.56
C CYS A 93 12.31 -3.48 -10.79
N GLN A 94 13.23 -3.99 -11.61
CA GLN A 94 13.66 -3.26 -12.81
C GLN A 94 12.54 -3.11 -13.83
N LYS A 95 11.66 -4.10 -13.95
N LYS A 95 11.63 -4.08 -13.95
CA LYS A 95 10.50 -3.96 -14.83
CA LYS A 95 10.53 -3.87 -14.89
C LYS A 95 9.59 -2.83 -14.36
C LYS A 95 9.57 -2.82 -14.37
N THR A 96 9.32 -2.80 -13.05
CA THR A 96 8.55 -1.70 -12.47
C THR A 96 9.24 -0.35 -12.70
N LEU A 97 10.57 -0.28 -12.51
CA LEU A 97 11.29 0.97 -12.77
C LEU A 97 11.16 1.39 -14.23
N SER A 98 11.29 0.43 -15.15
CA SER A 98 11.19 0.73 -16.58
C SER A 98 9.80 1.25 -16.91
N ASP A 99 8.77 0.58 -16.40
CA ASP A 99 7.40 1.02 -16.66
C ASP A 99 7.12 2.41 -16.07
N LEU A 100 7.58 2.65 -14.83
CA LEU A 100 7.35 3.94 -14.19
C LEU A 100 8.25 5.04 -14.72
N LYS A 101 9.23 4.65 -15.55
N LYS A 101 9.24 4.74 -15.57
CA LYS A 101 10.27 5.51 -16.11
CA LYS A 101 10.14 5.76 -16.11
C LYS A 101 11.00 6.28 -15.01
C LYS A 101 11.13 6.30 -15.08
N LEU A 102 11.52 5.49 -14.09
CA LEU A 102 12.31 5.95 -12.98
C LEU A 102 13.63 5.20 -12.93
N ASP A 103 14.65 5.80 -12.30
N ASP A 103 14.60 5.83 -12.30
CA ASP A 103 15.91 5.10 -12.01
CA ASP A 103 15.87 5.19 -12.03
C ASP A 103 16.05 4.69 -10.55
C ASP A 103 15.90 4.54 -10.66
N TYR A 104 15.07 5.00 -9.72
CA TYR A 104 14.98 4.41 -8.39
C TYR A 104 13.54 4.56 -7.90
N LEU A 105 13.16 3.69 -6.97
CA LEU A 105 11.92 3.84 -6.21
C LEU A 105 12.24 4.42 -4.85
N ASP A 106 11.34 5.24 -4.31
CA ASP A 106 11.49 5.68 -2.93
C ASP A 106 11.21 4.57 -1.94
N LEU A 107 10.30 3.66 -2.27
CA LEU A 107 9.91 2.57 -1.39
C LEU A 107 9.45 1.41 -2.23
N TYR A 108 9.93 0.21 -1.92
CA TYR A 108 9.52 -1.01 -2.59
C TYR A 108 9.07 -1.99 -1.51
N LEU A 109 7.85 -2.49 -1.66
CA LEU A 109 7.21 -3.34 -0.65
C LEU A 109 7.08 -4.78 -1.13
N ILE A 110 7.24 -5.74 -0.21
CA ILE A 110 6.71 -7.08 -0.48
C ILE A 110 5.20 -6.98 -0.39
N HIS A 111 4.50 -7.22 -1.52
CA HIS A 111 3.07 -6.88 -1.61
C HIS A 111 2.22 -7.69 -0.63
N TRP A 112 2.49 -9.00 -0.53
CA TRP A 112 1.84 -9.90 0.39
C TRP A 112 2.91 -10.88 0.90
N PRO A 113 2.73 -11.42 2.12
CA PRO A 113 3.72 -12.37 2.64
C PRO A 113 3.71 -13.72 1.93
N THR A 114 2.70 -14.00 1.13
CA THR A 114 2.53 -15.27 0.45
C THR A 114 3.25 -15.29 -0.90
N GLY A 115 4.21 -16.20 -1.06
CA GLY A 115 4.84 -16.42 -2.35
C GLY A 115 4.09 -17.46 -3.16
N PHE A 116 4.00 -17.22 -4.47
CA PHE A 116 3.34 -18.12 -5.41
C PHE A 116 4.33 -18.63 -6.45
N LYS A 117 3.98 -19.75 -7.07
CA LYS A 117 4.76 -20.28 -8.17
C LYS A 117 5.01 -19.22 -9.25
N PRO A 118 6.25 -19.08 -9.75
N PRO A 118 6.26 -19.02 -9.67
CA PRO A 118 6.52 -18.08 -10.78
CA PRO A 118 6.51 -18.06 -10.76
C PRO A 118 5.98 -18.51 -12.13
C PRO A 118 5.90 -18.49 -12.08
N GLY A 119 5.71 -17.53 -12.97
CA GLY A 119 5.14 -17.77 -14.27
C GLY A 119 4.33 -16.59 -14.73
N LYS A 120 3.61 -16.77 -15.84
CA LYS A 120 2.87 -15.65 -16.41
C LYS A 120 1.68 -15.26 -15.55
N GLU A 121 1.05 -16.22 -14.90
CA GLU A 121 -0.18 -15.99 -14.17
C GLU A 121 0.10 -15.37 -12.79
N PHE A 122 -0.63 -14.29 -12.48
N PHE A 122 -0.65 -14.33 -12.46
CA PHE A 122 -0.53 -13.65 -11.17
CA PHE A 122 -0.48 -13.68 -11.16
C PHE A 122 -0.97 -14.59 -10.05
C PHE A 122 -1.06 -14.50 -10.02
N PHE A 123 -2.03 -15.39 -10.29
CA PHE A 123 -2.60 -16.29 -9.30
C PHE A 123 -2.58 -17.69 -9.93
N PRO A 124 -1.42 -18.37 -9.92
CA PRO A 124 -1.34 -19.69 -10.56
C PRO A 124 -2.16 -20.68 -9.76
N LEU A 125 -3.07 -21.39 -10.43
N LEU A 125 -2.93 -21.49 -10.49
CA LEU A 125 -4.10 -22.14 -9.71
CA LEU A 125 -3.84 -22.47 -9.91
C LEU A 125 -3.89 -23.66 -9.83
C LEU A 125 -3.45 -23.90 -10.26
N ASP A 126 -4.29 -24.39 -8.78
N ASP A 126 -3.73 -24.79 -9.32
CA ASP A 126 -4.55 -25.82 -8.89
CA ASP A 126 -3.76 -26.22 -9.62
C ASP A 126 -6.06 -26.04 -9.07
C ASP A 126 -5.10 -26.55 -10.29
N GLU A 127 -6.45 -27.31 -9.16
N GLU A 127 -5.21 -27.79 -10.77
CA GLU A 127 -7.82 -27.66 -9.50
CA GLU A 127 -6.40 -28.16 -11.54
C GLU A 127 -8.80 -27.42 -8.36
C GLU A 127 -7.66 -28.13 -10.70
N SER A 128 -8.31 -27.11 -7.17
N SER A 128 -7.52 -28.12 -9.36
CA SER A 128 -9.18 -26.86 -6.02
CA SER A 128 -8.64 -28.06 -8.45
C SER A 128 -9.43 -25.38 -5.77
C SER A 128 -8.95 -26.65 -7.96
N GLY A 129 -8.87 -24.50 -6.59
N GLY A 129 -8.21 -25.64 -8.41
CA GLY A 129 -8.99 -23.09 -6.37
CA GLY A 129 -8.54 -24.26 -8.09
C GLY A 129 -7.98 -22.51 -5.41
C GLY A 129 -7.78 -23.60 -6.96
N ASN A 130 -7.09 -23.32 -4.84
N ASN A 130 -6.86 -24.31 -6.32
CA ASN A 130 -6.04 -22.82 -3.98
CA ASN A 130 -6.05 -23.71 -5.27
C ASN A 130 -4.82 -22.44 -4.83
C ASN A 130 -4.86 -22.97 -5.88
N VAL A 131 -4.17 -21.35 -4.45
N VAL A 131 -4.43 -21.91 -5.19
CA VAL A 131 -3.01 -20.91 -5.20
CA VAL A 131 -3.24 -21.18 -5.59
C VAL A 131 -1.97 -22.04 -5.15
C VAL A 131 -1.99 -21.96 -5.19
N VAL A 132 -1.06 -22.05 -6.13
CA VAL A 132 0.12 -22.89 -6.03
C VAL A 132 1.23 -22.09 -5.34
N PRO A 133 1.69 -22.49 -4.15
CA PRO A 133 2.70 -21.70 -3.45
C PRO A 133 4.10 -21.87 -4.02
N SER A 134 4.94 -20.90 -3.64
N SER A 134 4.97 -20.97 -3.59
CA SER A 134 6.39 -20.99 -3.72
CA SER A 134 6.40 -21.16 -3.77
C SER A 134 6.92 -21.61 -2.42
C SER A 134 7.05 -21.48 -2.42
N ASP A 135 8.05 -22.34 -2.51
N ASP A 135 8.12 -22.27 -2.48
CA ASP A 135 8.76 -22.76 -1.31
CA ASP A 135 8.83 -22.70 -1.29
C ASP A 135 9.76 -21.71 -0.82
C ASP A 135 9.79 -21.66 -0.75
N THR A 136 9.46 -20.43 -1.03
N THR A 136 10.02 -20.57 -1.47
CA THR A 136 10.21 -19.33 -0.47
CA THR A 136 11.00 -19.58 -1.02
C THR A 136 9.59 -18.90 0.85
C THR A 136 10.53 -18.95 0.28
N ASN A 137 10.42 -18.28 1.68
N ASN A 137 11.35 -19.10 1.32
CA ASN A 137 9.97 -17.77 2.96
CA ASN A 137 11.03 -18.51 2.61
C ASN A 137 10.22 -16.27 3.01
C ASN A 137 11.03 -17.00 2.50
N ILE A 138 9.57 -15.61 3.96
N ILE A 138 10.08 -16.36 3.18
CA ILE A 138 9.67 -14.16 4.01
CA ILE A 138 9.93 -14.92 3.09
C ILE A 138 11.09 -13.70 4.32
C ILE A 138 11.17 -14.20 3.59
N LEU A 139 11.95 -14.58 4.85
N LEU A 139 11.89 -14.78 4.55
CA LEU A 139 13.31 -14.17 5.18
CA LEU A 139 13.10 -14.13 5.03
C LEU A 139 14.19 -14.09 3.94
C LEU A 139 14.18 -14.11 3.96
N ASP A 140 14.15 -15.09 3.06
CA ASP A 140 15.01 -15.05 1.88
C ASP A 140 14.54 -13.99 0.89
N THR A 141 13.23 -13.83 0.72
CA THR A 141 12.73 -12.73 -0.09
C THR A 141 13.20 -11.40 0.48
N TRP A 142 13.18 -11.26 1.82
CA TRP A 142 13.64 -10.03 2.45
C TRP A 142 15.11 -9.76 2.13
N ALA A 143 15.96 -10.78 2.20
CA ALA A 143 17.36 -10.58 1.85
C ALA A 143 17.49 -10.09 0.41
N ALA A 144 16.66 -10.58 -0.50
CA ALA A 144 16.70 -10.12 -1.88
C ALA A 144 16.26 -8.66 -1.98
N MET A 145 15.29 -8.25 -1.15
CA MET A 145 14.90 -6.84 -1.10
C MET A 145 16.05 -5.96 -0.60
N GLU A 146 16.78 -6.45 0.42
CA GLU A 146 17.92 -5.69 0.94
C GLU A 146 18.96 -5.45 -0.15
N GLU A 147 19.16 -6.43 -1.04
CA GLU A 147 20.11 -6.25 -2.12
C GLU A 147 19.73 -5.08 -3.02
N LEU A 148 18.43 -4.82 -3.18
CA LEU A 148 18.00 -3.71 -4.03
C LEU A 148 18.46 -2.37 -3.45
N VAL A 149 18.40 -2.22 -2.12
CA VAL A 149 18.93 -1.02 -1.47
C VAL A 149 20.40 -0.88 -1.78
N ASP A 150 21.14 -1.99 -1.66
CA ASP A 150 22.59 -1.97 -1.83
C ASP A 150 23.03 -1.87 -3.29
N GLU A 151 22.09 -1.91 -4.24
CA GLU A 151 22.36 -1.67 -5.64
C GLU A 151 21.87 -0.31 -6.10
N GLY A 152 21.25 0.47 -5.21
CA GLY A 152 20.79 1.79 -5.57
C GLY A 152 19.47 1.84 -6.30
N LEU A 153 18.75 0.71 -6.42
N LEU A 153 18.77 0.71 -6.44
CA LEU A 153 17.50 0.68 -7.16
CA LEU A 153 17.50 0.70 -7.18
C LEU A 153 16.32 1.20 -6.35
C LEU A 153 16.34 1.23 -6.35
N VAL A 154 16.42 1.12 -5.02
CA VAL A 154 15.34 1.57 -4.14
C VAL A 154 15.99 2.26 -2.94
N LYS A 155 15.33 3.30 -2.43
N LYS A 155 15.33 3.29 -2.43
CA LYS A 155 15.83 4.03 -1.26
CA LYS A 155 15.85 4.00 -1.27
C LYS A 155 15.41 3.36 0.04
C LYS A 155 15.38 3.41 0.05
N ALA A 156 14.26 2.69 0.04
CA ALA A 156 13.69 2.07 1.23
C ALA A 156 12.97 0.81 0.79
N ILE A 157 12.90 -0.16 1.71
CA ILE A 157 12.13 -1.38 1.51
C ILE A 157 11.15 -1.55 2.66
N GLY A 158 10.07 -2.26 2.37
CA GLY A 158 9.07 -2.52 3.38
C GLY A 158 8.19 -3.69 3.01
N ILE A 159 7.09 -3.82 3.74
CA ILE A 159 6.22 -4.97 3.69
C ILE A 159 4.78 -4.48 3.62
N SER A 160 3.89 -5.40 3.26
CA SER A 160 2.47 -5.07 3.14
C SER A 160 1.65 -6.32 3.48
N ASN A 161 0.59 -6.12 4.25
CA ASN A 161 -0.28 -7.23 4.66
C ASN A 161 0.45 -8.24 5.52
N PHE A 162 1.47 -7.80 6.26
CA PHE A 162 2.13 -8.68 7.22
C PHE A 162 1.46 -8.53 8.58
N ASN A 163 1.16 -9.65 9.22
CA ASN A 163 0.61 -9.64 10.57
C ASN A 163 1.76 -9.44 11.58
N HIS A 164 1.40 -9.26 12.85
CA HIS A 164 2.48 -8.86 13.77
C HIS A 164 3.52 -9.95 13.96
N LEU A 165 3.13 -11.22 13.88
CA LEU A 165 4.14 -12.27 13.99
C LEU A 165 5.06 -12.30 12.78
N GLN A 166 4.52 -11.96 11.60
CA GLN A 166 5.35 -11.89 10.40
C GLN A 166 6.28 -10.69 10.43
N VAL A 167 5.81 -9.53 10.92
CA VAL A 167 6.70 -8.40 11.14
C VAL A 167 7.80 -8.81 12.10
N GLU A 168 7.42 -9.48 13.19
CA GLU A 168 8.40 -9.92 14.18
C GLU A 168 9.41 -10.89 13.56
N MET A 169 8.96 -11.77 12.67
N MET A 169 8.94 -11.76 12.67
CA MET A 169 9.91 -12.68 12.03
CA MET A 169 9.81 -12.71 11.99
C MET A 169 10.95 -11.93 11.21
C MET A 169 10.96 -12.00 11.28
N ILE A 170 10.53 -10.86 10.52
N ILE A 170 10.64 -10.94 10.53
CA ILE A 170 11.48 -10.03 9.79
CA ILE A 170 11.70 -10.19 9.86
C ILE A 170 12.45 -9.35 10.76
C ILE A 170 12.54 -9.46 10.89
N LEU A 171 11.91 -8.78 11.84
CA LEU A 171 12.73 -8.06 12.82
C LEU A 171 13.71 -8.99 13.51
N ASN A 172 13.38 -10.28 13.64
N ASN A 172 13.38 -10.28 13.64
CA ASN A 172 14.25 -11.28 14.24
CA ASN A 172 14.26 -11.27 14.26
C ASN A 172 14.94 -12.16 13.20
C ASN A 172 15.11 -12.05 13.26
N LYS A 173 15.05 -11.69 11.97
CA LYS A 173 15.76 -12.45 10.94
C LYS A 173 17.25 -12.54 11.28
N PRO A 174 17.85 -13.73 11.27
CA PRO A 174 19.31 -13.80 11.45
C PRO A 174 20.01 -12.96 10.39
N GLY A 175 20.89 -12.08 10.84
CA GLY A 175 21.66 -11.28 9.91
C GLY A 175 20.89 -10.15 9.26
N LEU A 176 19.74 -9.77 9.80
CA LEU A 176 18.95 -8.67 9.24
C LEU A 176 19.85 -7.46 8.98
N LYS A 177 19.74 -6.90 7.76
CA LYS A 177 20.55 -5.75 7.38
C LYS A 177 19.75 -4.44 7.43
N TYR A 178 18.53 -4.44 6.88
CA TYR A 178 17.67 -3.26 6.91
C TYR A 178 16.32 -3.67 7.47
N LYS A 179 15.86 -2.94 8.50
CA LYS A 179 14.51 -3.13 8.98
C LYS A 179 13.51 -2.64 7.94
N PRO A 180 12.32 -3.22 7.90
N PRO A 180 12.31 -3.20 7.91
CA PRO A 180 11.26 -2.62 7.09
CA PRO A 180 11.29 -2.63 7.03
C PRO A 180 11.05 -1.16 7.49
C PRO A 180 10.95 -1.21 7.46
N ALA A 181 10.86 -0.30 6.48
CA ALA A 181 10.54 1.09 6.75
C ALA A 181 9.06 1.32 6.97
N VAL A 182 8.23 0.49 6.32
CA VAL A 182 6.78 0.66 6.25
C VAL A 182 6.14 -0.72 6.27
N ASN A 183 4.98 -0.82 6.91
CA ASN A 183 4.02 -1.90 6.70
C ASN A 183 2.73 -1.26 6.19
N GLN A 184 2.35 -1.57 4.95
CA GLN A 184 1.13 -1.05 4.35
C GLN A 184 0.00 -2.07 4.56
N ILE A 185 -1.04 -1.64 5.27
CA ILE A 185 -2.13 -2.52 5.67
C ILE A 185 -3.46 -1.82 5.44
N GLU A 186 -4.51 -2.61 5.31
CA GLU A 186 -5.86 -2.04 5.21
C GLU A 186 -6.21 -1.38 6.54
N CYS A 187 -6.80 -0.18 6.49
CA CYS A 187 -7.17 0.46 7.75
C CYS A 187 -8.19 1.55 7.49
N HIS A 188 -9.27 1.52 8.26
CA HIS A 188 -10.38 2.45 8.16
C HIS A 188 -11.26 2.24 9.39
N PRO A 189 -12.35 3.00 9.56
CA PRO A 189 -13.13 2.85 10.81
C PRO A 189 -13.75 1.48 11.03
N TYR A 190 -13.88 0.64 10.00
CA TYR A 190 -14.39 -0.72 10.20
C TYR A 190 -13.29 -1.75 10.40
N LEU A 191 -12.02 -1.35 10.32
CA LEU A 191 -10.84 -2.21 10.51
C LEU A 191 -9.75 -1.31 11.07
N THR A 192 -9.84 -1.03 12.38
CA THR A 192 -9.06 0.06 12.97
C THR A 192 -7.62 -0.33 13.31
N GLN A 193 -7.32 -1.60 13.48
CA GLN A 193 -5.94 -2.08 13.53
C GLN A 193 -5.14 -1.56 14.72
N GLU A 194 -5.76 -1.35 15.88
CA GLU A 194 -5.03 -0.75 17.01
C GLU A 194 -3.79 -1.56 17.39
N LYS A 195 -3.92 -2.88 17.48
N LYS A 195 -3.92 -2.88 17.49
CA LYS A 195 -2.81 -3.69 17.97
CA LYS A 195 -2.80 -3.67 17.97
C LYS A 195 -1.64 -3.71 16.98
C LYS A 195 -1.64 -3.68 16.98
N LEU A 196 -1.94 -3.91 15.70
CA LEU A 196 -0.86 -3.98 14.71
C LEU A 196 -0.19 -2.63 14.53
N ILE A 197 -0.98 -1.54 14.52
CA ILE A 197 -0.40 -0.22 14.39
C ILE A 197 0.55 0.09 15.55
N GLN A 198 0.08 -0.13 16.79
CA GLN A 198 0.94 0.19 17.93
C GLN A 198 2.22 -0.63 17.88
N TYR A 199 2.11 -1.91 17.52
CA TYR A 199 3.31 -2.74 17.44
C TYR A 199 4.29 -2.17 16.42
N CYS A 200 3.82 -1.91 15.21
CA CYS A 200 4.71 -1.39 14.19
C CYS A 200 5.33 -0.06 14.60
N GLN A 201 4.50 0.88 15.08
CA GLN A 201 5.01 2.18 15.46
C GLN A 201 6.04 2.06 16.58
N SER A 202 5.81 1.14 17.51
CA SER A 202 6.74 0.97 18.63
C SER A 202 8.11 0.49 18.17
N LYS A 203 8.18 -0.12 16.98
CA LYS A 203 9.42 -0.60 16.41
C LYS A 203 10.00 0.36 15.37
N GLY A 204 9.40 1.54 15.22
CA GLY A 204 9.88 2.53 14.28
C GLY A 204 9.47 2.29 12.84
N ILE A 205 8.49 1.41 12.62
CA ILE A 205 7.95 1.11 11.29
C ILE A 205 6.73 1.99 11.07
N VAL A 206 6.73 2.74 9.97
CA VAL A 206 5.59 3.60 9.63
C VAL A 206 4.50 2.74 8.98
N VAL A 207 3.26 3.02 9.34
CA VAL A 207 2.13 2.29 8.78
C VAL A 207 1.43 3.16 7.74
N THR A 208 1.20 2.57 6.56
CA THR A 208 0.34 3.16 5.53
C THR A 208 -1.00 2.45 5.53
N ALA A 209 -2.08 3.24 5.57
CA ALA A 209 -3.47 2.76 5.52
C ALA A 209 -3.97 2.73 4.08
N TYR A 210 -4.33 1.54 3.61
CA TYR A 210 -4.98 1.38 2.32
C TYR A 210 -6.49 1.16 2.45
N SER A 211 -7.19 1.33 1.33
CA SER A 211 -8.64 1.32 1.24
C SER A 211 -9.27 2.21 2.32
N PRO A 212 -8.80 3.45 2.49
CA PRO A 212 -9.31 4.29 3.58
C PRO A 212 -10.76 4.70 3.42
N LEU A 213 -11.29 4.68 2.19
CA LEU A 213 -12.68 4.99 1.93
C LEU A 213 -13.54 3.75 1.87
N GLY A 214 -12.96 2.59 2.16
CA GLY A 214 -13.68 1.33 2.07
C GLY A 214 -13.79 0.77 0.67
N SER A 215 -13.00 1.27 -0.28
CA SER A 215 -12.92 0.70 -1.61
C SER A 215 -14.29 0.42 -2.23
N PRO A 216 -15.11 1.47 -2.45
CA PRO A 216 -16.44 1.23 -3.04
C PRO A 216 -16.40 0.63 -4.44
N ASP A 217 -15.29 0.74 -5.17
CA ASP A 217 -15.15 0.12 -6.48
C ASP A 217 -14.48 -1.25 -6.43
N ARG A 218 -14.30 -1.84 -5.25
CA ARG A 218 -13.74 -3.18 -5.18
C ARG A 218 -14.59 -4.14 -6.02
N PRO A 219 -13.97 -5.09 -6.73
CA PRO A 219 -14.74 -5.89 -7.69
C PRO A 219 -15.78 -6.79 -7.06
N TRP A 220 -15.60 -7.17 -5.80
CA TRP A 220 -16.42 -8.17 -5.13
C TRP A 220 -17.40 -7.58 -4.13
N ALA A 221 -17.69 -6.28 -4.25
CA ALA A 221 -18.65 -5.64 -3.35
C ALA A 221 -20.01 -6.32 -3.43
N LYS A 222 -20.67 -6.44 -2.28
CA LYS A 222 -22.02 -6.98 -2.20
C LYS A 222 -22.95 -5.99 -1.49
N PRO A 223 -24.26 -6.03 -1.80
CA PRO A 223 -25.18 -5.06 -1.17
C PRO A 223 -25.22 -5.13 0.35
N GLU A 224 -25.03 -6.30 0.95
CA GLU A 224 -25.11 -6.44 2.40
C GLU A 224 -23.88 -5.90 3.12
N ASP A 225 -22.84 -5.52 2.40
CA ASP A 225 -21.61 -5.08 3.04
C ASP A 225 -21.83 -3.72 3.70
N PRO A 226 -21.14 -3.45 4.80
CA PRO A 226 -21.20 -2.10 5.37
C PRO A 226 -20.56 -1.12 4.40
N SER A 227 -20.87 0.16 4.59
CA SER A 227 -20.45 1.21 3.66
C SER A 227 -20.04 2.44 4.45
N LEU A 228 -18.73 2.70 4.53
CA LEU A 228 -18.23 3.85 5.27
C LEU A 228 -18.79 5.15 4.73
N LEU A 229 -18.77 5.31 3.41
CA LEU A 229 -19.17 6.59 2.84
C LEU A 229 -20.65 6.87 3.07
N GLU A 230 -21.44 5.83 3.34
CA GLU A 230 -22.88 5.97 3.57
C GLU A 230 -23.26 5.83 5.03
N ASP A 231 -22.30 5.72 5.94
CA ASP A 231 -22.61 5.51 7.35
C ASP A 231 -23.08 6.83 7.95
N PRO A 232 -24.32 6.91 8.41
CA PRO A 232 -24.83 8.17 8.97
C PRO A 232 -23.97 8.72 10.08
N ARG A 233 -23.33 7.86 10.86
CA ARG A 233 -22.53 8.32 12.00
C ARG A 233 -21.30 9.09 11.52
N ILE A 234 -20.72 8.65 10.40
CA ILE A 234 -19.53 9.29 9.85
C ILE A 234 -19.92 10.54 9.09
N LYS A 235 -21.03 10.47 8.33
CA LYS A 235 -21.57 11.64 7.68
C LYS A 235 -21.82 12.77 8.68
N ALA A 236 -22.29 12.44 9.89
CA ALA A 236 -22.57 13.47 10.88
C ALA A 236 -21.30 14.18 11.34
N ILE A 237 -20.20 13.44 11.50
CA ILE A 237 -18.93 14.08 11.87
C ILE A 237 -18.47 15.00 10.74
N ALA A 238 -18.60 14.54 9.49
CA ALA A 238 -18.25 15.38 8.36
C ALA A 238 -19.08 16.65 8.33
N ALA A 239 -20.39 16.54 8.52
CA ALA A 239 -21.25 17.72 8.48
C ALA A 239 -20.84 18.73 9.55
N LYS A 240 -20.50 18.23 10.74
N LYS A 240 -20.50 18.23 10.76
CA LYS A 240 -20.12 19.12 11.84
CA LYS A 240 -20.12 19.12 11.84
C LYS A 240 -18.89 19.95 11.47
C LYS A 240 -18.89 19.94 11.49
N HIS A 241 -17.97 19.35 10.73
CA HIS A 241 -16.74 20.02 10.33
C HIS A 241 -16.84 20.71 8.98
N ASN A 242 -18.00 20.71 8.34
N ASN A 242 -18.00 20.71 8.32
CA ASN A 242 -18.15 21.29 7.00
CA ASN A 242 -18.16 21.31 7.00
C ASN A 242 -17.14 20.69 6.01
C ASN A 242 -17.22 20.68 5.96
N LYS A 243 -17.00 19.36 6.06
N LYS A 243 -16.99 19.37 6.08
CA LYS A 243 -16.16 18.61 5.15
CA LYS A 243 -16.17 18.61 5.15
C LYS A 243 -16.98 17.47 4.56
C LYS A 243 -16.97 17.43 4.59
N THR A 244 -16.44 16.78 3.56
CA THR A 244 -17.10 15.60 3.04
C THR A 244 -16.77 14.38 3.89
N THR A 245 -17.60 13.36 3.75
CA THR A 245 -17.33 12.10 4.44
C THR A 245 -15.96 11.55 4.05
N ALA A 246 -15.63 11.60 2.75
CA ALA A 246 -14.33 11.13 2.31
C ALA A 246 -13.20 11.90 2.98
N GLN A 247 -13.35 13.23 3.14
CA GLN A 247 -12.32 14.02 3.80
C GLN A 247 -12.12 13.60 5.26
N VAL A 248 -13.21 13.30 5.96
CA VAL A 248 -13.08 12.78 7.33
C VAL A 248 -12.34 11.45 7.33
N LEU A 249 -12.68 10.57 6.39
CA LEU A 249 -12.06 9.25 6.32
C LEU A 249 -10.57 9.33 6.01
N ILE A 250 -10.13 10.38 5.29
CA ILE A 250 -8.72 10.56 4.99
C ILE A 250 -8.00 11.21 6.19
N ARG A 251 -8.63 12.19 6.84
CA ARG A 251 -8.02 12.87 7.97
C ARG A 251 -7.83 11.93 9.16
N PHE A 252 -8.75 10.98 9.36
CA PHE A 252 -8.71 10.05 10.48
C PHE A 252 -7.36 9.34 10.60
N PRO A 253 -6.87 8.62 9.58
CA PRO A 253 -5.56 7.97 9.71
C PRO A 253 -4.42 8.96 9.87
N MET A 254 -4.53 10.13 9.23
CA MET A 254 -3.47 11.13 9.38
C MET A 254 -3.22 11.46 10.85
N GLN A 255 -4.30 11.57 11.64
CA GLN A 255 -4.16 11.94 13.04
C GLN A 255 -3.71 10.77 13.92
N ARG A 256 -3.58 9.58 13.36
CA ARG A 256 -3.00 8.43 14.03
C ARG A 256 -1.54 8.23 13.65
N ASN A 257 -0.92 9.24 13.01
CA ASN A 257 0.46 9.16 12.53
C ASN A 257 0.62 8.12 11.44
N LEU A 258 -0.42 7.90 10.66
CA LEU A 258 -0.36 7.00 9.51
C LEU A 258 -0.22 7.80 8.23
N VAL A 259 0.31 7.13 7.21
CA VAL A 259 0.24 7.57 5.81
C VAL A 259 -1.05 7.01 5.24
N VAL A 260 -1.69 7.72 4.30
CA VAL A 260 -2.96 7.27 3.74
C VAL A 260 -2.97 7.52 2.24
N ILE A 261 -3.56 6.58 1.50
CA ILE A 261 -3.45 6.54 0.03
C ILE A 261 -4.79 6.36 -0.68
N PRO A 262 -5.71 7.30 -0.53
CA PRO A 262 -6.99 7.21 -1.24
C PRO A 262 -6.79 7.18 -2.75
N LYS A 263 -7.59 6.34 -3.43
CA LYS A 263 -7.57 6.24 -4.88
C LYS A 263 -8.72 7.01 -5.50
N SER A 264 -8.42 7.75 -6.56
CA SER A 264 -9.45 8.30 -7.43
C SER A 264 -8.86 8.54 -8.83
N VAL A 265 -9.72 8.40 -9.84
CA VAL A 265 -9.45 8.89 -11.18
C VAL A 265 -10.33 10.08 -11.55
N THR A 266 -11.09 10.62 -10.60
CA THR A 266 -12.01 11.73 -10.87
C THR A 266 -11.33 13.03 -10.47
N PRO A 267 -11.07 13.95 -11.40
CA PRO A 267 -10.30 15.16 -11.01
C PRO A 267 -10.83 15.89 -9.79
N GLU A 268 -12.16 16.09 -9.70
N GLU A 268 -12.16 16.10 -9.70
CA GLU A 268 -12.71 16.84 -8.58
CA GLU A 268 -12.69 16.85 -8.57
C GLU A 268 -12.48 16.12 -7.25
C GLU A 268 -12.42 16.12 -7.26
N ARG A 269 -12.52 14.79 -7.26
CA ARG A 269 -12.27 14.03 -6.02
C ARG A 269 -10.80 14.00 -5.68
N ILE A 270 -9.93 13.91 -6.70
CA ILE A 270 -8.49 13.96 -6.43
C ILE A 270 -8.16 15.24 -5.66
N ALA A 271 -8.70 16.36 -6.12
CA ALA A 271 -8.47 17.63 -5.44
C ALA A 271 -9.13 17.65 -4.06
N GLU A 272 -10.38 17.19 -3.95
CA GLU A 272 -11.09 17.13 -2.67
C GLU A 272 -10.29 16.34 -1.63
N ASN A 273 -9.78 15.19 -2.04
CA ASN A 273 -9.10 14.28 -1.13
C ASN A 273 -7.80 14.88 -0.60
N PHE A 274 -7.21 15.85 -1.29
CA PHE A 274 -6.00 16.49 -0.82
C PHE A 274 -6.27 17.64 0.14
N LYS A 275 -7.52 18.12 0.19
N LYS A 275 -7.50 18.15 0.15
CA LYS A 275 -7.87 19.31 0.97
CA LYS A 275 -7.86 19.30 0.98
C LYS A 275 -8.26 18.93 2.41
C LYS A 275 -8.29 18.81 2.36
N VAL A 276 -7.28 18.31 3.09
CA VAL A 276 -7.48 17.70 4.41
C VAL A 276 -6.45 18.19 5.42
N PHE A 277 -5.73 19.27 5.08
CA PHE A 277 -4.74 19.86 5.98
C PHE A 277 -5.26 21.14 6.64
N ASP A 278 -6.57 21.41 6.57
CA ASP A 278 -7.15 22.65 7.05
C ASP A 278 -8.22 22.44 8.12
N PHE A 279 -8.28 21.25 8.72
CA PHE A 279 -9.21 20.99 9.82
C PHE A 279 -8.66 19.88 10.69
N GLU A 280 -9.22 19.75 11.91
CA GLU A 280 -8.79 18.76 12.88
C GLU A 280 -9.99 18.03 13.46
N LEU A 281 -9.92 16.70 13.51
CA LEU A 281 -10.86 15.89 14.26
C LEU A 281 -10.51 15.97 15.75
N SER A 282 -11.53 16.11 16.60
CA SER A 282 -11.29 16.16 18.03
C SER A 282 -10.92 14.76 18.54
N SER A 283 -10.38 14.70 19.77
N SER A 283 -10.39 14.72 19.77
CA SER A 283 -10.12 13.40 20.37
CA SER A 283 -10.11 13.43 20.40
C SER A 283 -11.39 12.59 20.53
C SER A 283 -11.38 12.61 20.52
N GLN A 284 -12.51 13.27 20.80
CA GLN A 284 -13.80 12.58 20.86
C GLN A 284 -14.18 12.04 19.48
N ASP A 285 -13.98 12.82 18.42
CA ASP A 285 -14.19 12.32 17.06
C ASP A 285 -13.34 11.09 16.78
N MET A 286 -12.06 11.14 17.18
CA MET A 286 -11.15 10.03 16.93
C MET A 286 -11.62 8.78 17.66
N THR A 287 -11.94 8.92 18.94
CA THR A 287 -12.41 7.78 19.73
C THR A 287 -13.72 7.24 19.15
N THR A 288 -14.59 8.13 18.70
CA THR A 288 -15.87 7.73 18.12
C THR A 288 -15.66 6.96 16.81
N LEU A 289 -14.79 7.46 15.93
CA LEU A 289 -14.51 6.72 14.70
C LEU A 289 -13.87 5.38 15.02
N LEU A 290 -12.94 5.32 15.99
CA LEU A 290 -12.34 4.04 16.36
C LEU A 290 -13.38 3.05 16.84
N SER A 291 -14.45 3.56 17.48
CA SER A 291 -15.46 2.69 18.06
C SER A 291 -16.26 1.94 17.01
N TYR A 292 -16.14 2.31 15.73
CA TYR A 292 -16.89 1.66 14.67
C TYR A 292 -16.21 0.40 14.16
N ASN A 293 -15.08 0.00 14.74
CA ASN A 293 -14.39 -1.20 14.27
C ASN A 293 -15.32 -2.40 14.20
N ARG A 294 -15.16 -3.16 13.12
N ARG A 294 -15.21 -3.17 13.11
CA ARG A 294 -15.91 -4.35 12.80
CA ARG A 294 -15.94 -4.41 12.93
C ARG A 294 -15.02 -5.52 12.47
C ARG A 294 -15.03 -5.51 12.37
N ASN A 295 -13.72 -5.31 12.33
CA ASN A 295 -12.81 -6.29 11.77
C ASN A 295 -13.24 -6.73 10.37
N TRP A 296 -13.64 -5.76 9.55
N TRP A 296 -13.71 -5.76 9.57
CA TRP A 296 -14.19 -6.04 8.23
CA TRP A 296 -14.20 -6.01 8.20
C TRP A 296 -13.18 -5.63 7.15
C TRP A 296 -13.13 -5.65 7.18
N ARG A 297 -12.84 -6.58 6.28
CA ARG A 297 -11.79 -6.41 5.27
C ARG A 297 -12.33 -6.33 3.83
N VAL A 298 -11.86 -5.32 3.13
CA VAL A 298 -11.90 -5.27 1.66
C VAL A 298 -11.05 -6.38 1.07
N CYS A 299 -9.81 -6.52 1.56
CA CYS A 299 -8.82 -7.41 0.95
C CYS A 299 -8.48 -8.54 1.93
N ALA A 300 -9.13 -9.68 1.75
CA ALA A 300 -8.90 -10.84 2.59
C ALA A 300 -8.13 -11.95 1.88
N LEU A 301 -7.69 -11.72 0.63
CA LEU A 301 -6.89 -12.69 -0.11
C LEU A 301 -7.50 -14.09 -0.02
N LEU A 302 -8.78 -14.16 -0.38
CA LEU A 302 -9.58 -15.35 -0.08
C LEU A 302 -9.14 -16.58 -0.87
N SER A 303 -8.39 -16.42 -1.95
CA SER A 303 -7.95 -17.60 -2.69
C SER A 303 -6.72 -18.26 -2.06
N CYS A 304 -6.17 -17.71 -0.98
CA CYS A 304 -4.91 -18.15 -0.41
C CYS A 304 -5.02 -18.55 1.06
N THR A 305 -6.21 -18.89 1.53
CA THR A 305 -6.39 -19.12 2.97
C THR A 305 -5.67 -20.35 3.50
N SER A 306 -5.22 -21.26 2.64
N SER A 306 -5.23 -21.26 2.64
CA SER A 306 -4.43 -22.41 3.08
CA SER A 306 -4.44 -22.41 3.09
C SER A 306 -2.93 -22.21 2.93
C SER A 306 -2.94 -22.21 2.93
N HIS A 307 -2.51 -21.09 2.33
CA HIS A 307 -1.09 -20.84 2.19
C HIS A 307 -0.44 -20.73 3.57
N LYS A 308 0.75 -21.31 3.72
CA LYS A 308 1.38 -21.33 5.04
C LYS A 308 1.58 -19.92 5.60
N ASP A 309 1.73 -18.93 4.72
CA ASP A 309 1.99 -17.56 5.13
C ASP A 309 0.76 -16.66 4.98
N TYR A 310 -0.44 -17.24 4.86
CA TYR A 310 -1.65 -16.43 4.85
C TYR A 310 -1.69 -15.56 6.10
N PRO A 311 -1.92 -14.25 5.98
CA PRO A 311 -1.70 -13.37 7.13
C PRO A 311 -2.85 -13.20 8.10
N PHE A 312 -4.08 -13.59 7.75
CA PHE A 312 -5.24 -13.14 8.49
C PHE A 312 -5.94 -14.24 9.30
N HIS A 313 -5.22 -15.32 9.65
CA HIS A 313 -5.70 -16.23 10.68
C HIS A 313 -5.38 -15.71 12.09
N GLU A 314 -4.21 -15.08 12.25
CA GLU A 314 -3.82 -14.53 13.53
C GLU A 314 -4.68 -13.35 13.90
N GLU A 315 -4.84 -13.13 15.21
CA GLU A 315 -5.64 -12.00 15.69
C GLU A 315 -5.14 -10.69 15.11
N PHE A 316 -3.82 -10.48 15.11
CA PHE A 316 -3.25 -9.32 14.47
C PHE A 316 -1.82 -9.58 14.05
#